data_5VQA
#
_entry.id   5VQA
#
_cell.length_a   98.479
_cell.length_b   98.479
_cell.length_c   120.979
_cell.angle_alpha   90.00
_cell.angle_beta   90.00
_cell.angle_gamma   120.00
#
_symmetry.space_group_name_H-M   'P 65'
#
loop_
_entity.id
_entity.type
_entity.pdbx_description
1 polymer 'Pachytene checkpoint protein 2 homolog'
2 non-polymer "ADENOSINE-5'-TRIPHOSPHATE"
3 water water
#
_entity_poly.entity_id   1
_entity_poly.type   'polypeptide(L)'
_entity_poly.pdbx_seq_one_letter_code
;MDEAVGDLKQALPCVAESPTVHVEVHQRGSSTAKKEDINLSVRKLLNRHNIVFGDYTWTEFDEPFLTRNVQSVSIIDTEL
KVKDSQPIDLSACTVALHIFQLNEDGPSSENLEEETENIIAANHWVLPAAEFHGLWDSLVYDVEVKSHLLDYVMTTLLFS
DKNVNSNLITWNRVVLLHGPPGTGKTSLCKALAQKLTIRLSSRYRYGQLIEINSHSLFSKWFSESGKLVTKMFQKIQDLI
DDKDALVFVLIDQVESLTAARNACRAGTEPSDAIRVVNAVLTQIDQIKRHSNVVILTTSNITEKIDVAFVDRADIKQYIG
PPSAAAIFKIYLSCLEELMKCQIIYPRQQLLTLRELEMIGFIENNVSKLSLLLNDISRKSEGLSGRVLRKLPFLAHALYV
QAPTVTIEGFLQALSLAVDKQFEERKKLAAYI
;
_entity_poly.pdbx_strand_id   A
#
loop_
_chem_comp.id
_chem_comp.type
_chem_comp.name
_chem_comp.formula
ATP non-polymer ADENOSINE-5'-TRIPHOSPHATE 'C10 H16 N5 O13 P3'
#
# COMPACT_ATOMS: atom_id res chain seq x y z
N PRO A 19 -6.91 -25.31 -0.02
CA PRO A 19 -6.26 -24.12 0.53
C PRO A 19 -5.83 -23.18 -0.58
N THR A 20 -6.52 -22.04 -0.72
CA THR A 20 -6.36 -21.23 -1.93
C THR A 20 -5.03 -20.49 -1.94
N VAL A 21 -4.55 -20.23 -3.15
CA VAL A 21 -3.25 -19.63 -3.38
C VAL A 21 -3.41 -18.56 -4.45
N HIS A 22 -3.01 -17.33 -4.13
CA HIS A 22 -3.27 -16.17 -4.97
C HIS A 22 -2.05 -15.86 -5.80
N VAL A 23 -2.27 -15.59 -7.08
CA VAL A 23 -1.23 -15.37 -8.07
C VAL A 23 -1.64 -14.15 -8.86
N GLU A 24 -0.90 -13.06 -8.71
CA GLU A 24 -1.23 -11.84 -9.40
C GLU A 24 -0.44 -11.79 -10.69
N VAL A 25 -1.15 -11.59 -11.79
CA VAL A 25 -0.58 -11.62 -13.12
C VAL A 25 -0.68 -10.20 -13.68
N HIS A 26 0.48 -9.60 -13.92
CA HIS A 26 0.57 -8.26 -14.47
C HIS A 26 0.70 -8.37 -15.97
N GLN A 27 -0.39 -8.08 -16.67
CA GLN A 27 -0.42 -8.09 -18.13
C GLN A 27 0.13 -6.77 -18.65
N ARG A 28 0.98 -6.85 -19.68
CA ARG A 28 1.56 -5.63 -20.25
C ARG A 28 0.45 -4.72 -20.75
N GLY A 29 0.65 -3.42 -20.60
CA GLY A 29 -0.28 -2.46 -21.20
C GLY A 29 -0.42 -2.63 -22.70
N SER A 30 0.69 -2.90 -23.39
CA SER A 30 0.66 -3.09 -24.83
C SER A 30 0.07 -4.44 -25.25
N SER A 31 -0.49 -5.22 -24.34
CA SER A 31 -1.00 -6.53 -24.73
C SER A 31 -2.45 -6.43 -25.15
N THR A 32 -2.81 -7.18 -26.20
CA THR A 32 -4.18 -7.27 -26.65
C THR A 32 -4.74 -8.69 -26.55
N ALA A 33 -4.08 -9.56 -25.79
CA ALA A 33 -4.57 -10.93 -25.63
C ALA A 33 -5.76 -10.96 -24.69
N LYS A 34 -6.68 -11.89 -24.94
CA LYS A 34 -7.78 -12.12 -24.03
C LYS A 34 -7.25 -12.64 -22.71
N LYS A 35 -7.90 -12.26 -21.62
CA LYS A 35 -7.48 -12.75 -20.31
C LYS A 35 -7.57 -14.26 -20.22
N GLU A 36 -8.57 -14.86 -20.87
CA GLU A 36 -8.71 -16.31 -20.86
C GLU A 36 -7.45 -16.98 -21.39
N ASP A 37 -6.83 -16.39 -22.41
CA ASP A 37 -5.59 -16.95 -22.93
C ASP A 37 -4.45 -16.81 -21.92
N ILE A 38 -4.34 -15.64 -21.28
CA ILE A 38 -3.34 -15.48 -20.25
C ILE A 38 -3.58 -16.43 -19.10
N ASN A 39 -4.85 -16.59 -18.71
CA ASN A 39 -5.18 -17.53 -17.64
C ASN A 39 -4.68 -18.93 -17.98
N LEU A 40 -4.78 -19.32 -19.25
CA LEU A 40 -4.40 -20.67 -19.64
C LEU A 40 -2.89 -20.82 -19.69
N SER A 41 -2.18 -19.79 -20.15
CA SER A 41 -0.72 -19.84 -20.16
C SER A 41 -0.16 -19.90 -18.74
N VAL A 42 -0.60 -18.98 -17.87
CA VAL A 42 -0.02 -18.89 -16.54
C VAL A 42 -0.21 -20.21 -15.80
N ARG A 43 -1.38 -20.83 -15.97
CA ARG A 43 -1.60 -22.12 -15.33
C ARG A 43 -0.64 -23.17 -15.87
N LYS A 44 -0.40 -23.18 -17.18
CA LYS A 44 0.58 -24.12 -17.75
C LYS A 44 1.97 -23.89 -17.19
N LEU A 45 2.33 -22.63 -16.97
CA LEU A 45 3.63 -22.32 -16.40
C LEU A 45 3.74 -22.85 -14.98
N LEU A 46 2.70 -22.60 -14.17
CA LEU A 46 2.68 -23.06 -12.79
C LEU A 46 2.78 -24.57 -12.71
N ASN A 47 2.21 -25.27 -13.69
CA ASN A 47 2.34 -26.74 -13.71
C ASN A 47 3.76 -27.17 -14.02
N ARG A 48 4.49 -26.39 -14.83
CA ARG A 48 5.89 -26.72 -15.09
C ARG A 48 6.70 -26.69 -13.80
N HIS A 49 6.54 -25.62 -13.02
CA HIS A 49 7.40 -25.45 -11.86
C HIS A 49 6.88 -26.22 -10.64
N ASN A 50 5.58 -26.08 -10.32
CA ASN A 50 4.88 -27.03 -9.47
C ASN A 50 5.28 -26.96 -8.00
N ILE A 51 6.10 -25.99 -7.61
CA ILE A 51 6.61 -25.90 -6.24
C ILE A 51 6.24 -24.56 -5.60
N GLY A 54 7.77 -20.97 -1.40
CA GLY A 54 7.37 -19.66 -0.87
C GLY A 54 6.83 -18.67 -1.90
N ASP A 55 6.73 -17.40 -1.51
CA ASP A 55 6.36 -16.35 -2.45
C ASP A 55 7.48 -16.15 -3.47
N TYR A 56 7.14 -16.19 -4.75
CA TYR A 56 8.11 -16.12 -5.83
C TYR A 56 7.45 -15.38 -6.99
N THR A 57 8.25 -14.61 -7.70
CA THR A 57 7.77 -13.84 -8.84
C THR A 57 8.58 -14.18 -10.08
N TRP A 58 7.91 -14.22 -11.23
CA TRP A 58 8.56 -14.37 -12.51
C TRP A 58 8.54 -13.05 -13.26
N THR A 59 9.69 -12.67 -13.83
CA THR A 59 9.78 -11.52 -14.72
C THR A 59 10.25 -11.92 -16.12
N GLU A 60 10.80 -13.12 -16.28
CA GLU A 60 11.24 -13.65 -17.56
C GLU A 60 10.67 -15.03 -17.72
N PHE A 61 10.31 -15.37 -18.96
CA PHE A 61 9.65 -16.61 -19.27
C PHE A 61 10.29 -17.20 -20.50
N ASP A 62 10.39 -18.52 -20.54
CA ASP A 62 10.85 -19.15 -21.77
C ASP A 62 9.79 -19.01 -22.85
N GLU A 63 8.51 -19.06 -22.48
CA GLU A 63 7.47 -19.06 -23.49
C GLU A 63 7.30 -17.66 -24.08
N PRO A 64 7.17 -17.54 -25.40
CA PRO A 64 7.08 -16.19 -26.01
C PRO A 64 5.76 -15.48 -25.77
N PHE A 65 4.64 -16.22 -25.82
CA PHE A 65 3.33 -15.60 -25.56
C PHE A 65 3.31 -14.92 -24.18
N LEU A 66 3.98 -15.52 -23.19
CA LEU A 66 4.07 -14.90 -21.87
C LEU A 66 5.04 -13.73 -21.89
N THR A 67 6.22 -13.93 -22.49
CA THR A 67 7.14 -12.82 -22.70
C THR A 67 6.42 -11.63 -23.32
N ARG A 68 5.56 -11.89 -24.30
CA ARG A 68 4.90 -10.82 -25.05
C ARG A 68 3.85 -10.09 -24.22
N ASN A 69 3.13 -10.82 -23.37
CA ASN A 69 1.92 -10.27 -22.76
C ASN A 69 2.00 -10.03 -21.26
N VAL A 70 2.95 -10.62 -20.56
CA VAL A 70 2.95 -10.61 -19.11
C VAL A 70 4.28 -10.05 -18.60
N GLN A 71 4.19 -9.03 -17.75
CA GLN A 71 5.39 -8.44 -17.15
C GLN A 71 5.83 -9.20 -15.90
N SER A 72 4.87 -9.61 -15.07
CA SER A 72 5.23 -10.43 -13.92
C SER A 72 4.08 -11.39 -13.59
N VAL A 73 4.47 -12.55 -13.07
CA VAL A 73 3.56 -13.50 -12.45
C VAL A 73 4.07 -13.70 -11.03
N SER A 74 3.32 -13.23 -10.05
CA SER A 74 3.82 -13.21 -8.69
C SER A 74 2.90 -14.00 -7.77
N ILE A 75 3.47 -14.96 -7.06
CA ILE A 75 2.71 -15.81 -6.14
C ILE A 75 2.75 -15.20 -4.76
N ILE A 76 1.57 -14.96 -4.18
CA ILE A 76 1.44 -14.28 -2.90
C ILE A 76 0.64 -15.13 -1.91
N ASP A 77 1.13 -15.20 -0.67
CA ASP A 77 0.39 -15.87 0.40
C ASP A 77 -0.92 -15.16 0.73
N ASP A 89 6.40 -24.36 -2.46
CA ASP A 89 6.59 -25.53 -1.60
C ASP A 89 5.43 -26.53 -1.78
N LEU A 90 4.44 -26.19 -2.61
CA LEU A 90 3.28 -27.05 -2.81
C LEU A 90 2.84 -27.02 -4.26
N SER A 91 1.95 -27.95 -4.60
CA SER A 91 1.55 -28.17 -5.98
C SER A 91 0.05 -27.96 -6.15
N ALA A 92 -0.71 -28.99 -5.78
CA ALA A 92 -2.15 -29.00 -5.87
C ALA A 92 -2.72 -28.19 -4.70
N CYS A 93 -3.00 -26.93 -4.98
CA CYS A 93 -3.86 -26.11 -4.16
C CYS A 93 -4.93 -25.56 -5.08
N THR A 94 -6.01 -25.05 -4.51
CA THR A 94 -6.95 -24.29 -5.32
C THR A 94 -6.28 -22.97 -5.66
N VAL A 95 -6.04 -22.71 -6.95
CA VAL A 95 -5.18 -21.62 -7.37
C VAL A 95 -6.02 -20.54 -8.05
N ALA A 96 -5.99 -19.34 -7.48
CA ALA A 96 -6.76 -18.22 -7.97
C ALA A 96 -5.83 -17.22 -8.66
N LEU A 97 -6.08 -16.96 -9.94
CA LEU A 97 -5.33 -15.97 -10.68
C LEU A 97 -6.11 -14.67 -10.74
N HIS A 98 -5.40 -13.56 -10.62
CA HIS A 98 -5.98 -12.25 -10.83
C HIS A 98 -5.11 -11.56 -11.87
N ILE A 99 -5.64 -11.41 -13.08
CA ILE A 99 -4.92 -10.81 -14.19
C ILE A 99 -5.36 -9.36 -14.29
N PHE A 100 -4.42 -8.44 -14.36
CA PHE A 100 -4.76 -7.03 -14.36
C PHE A 100 -3.84 -6.28 -15.30
N GLN A 101 -4.28 -5.10 -15.69
CA GLN A 101 -3.58 -4.29 -16.65
C GLN A 101 -3.57 -2.87 -16.11
N LEU A 102 -2.41 -2.38 -15.70
CA LEU A 102 -2.30 -1.06 -15.15
C LEU A 102 -2.80 -0.01 -16.14
N ASN A 103 -3.62 0.92 -15.63
CA ASN A 103 -4.03 2.08 -16.41
C ASN A 103 -2.95 3.13 -16.31
N GLU A 104 -2.29 3.44 -17.46
CA GLU A 104 -0.99 4.13 -17.42
C GLU A 104 -1.12 5.60 -17.09
N ASP A 105 -2.15 6.26 -17.60
CA ASP A 105 -2.23 7.70 -17.46
C ASP A 105 -2.97 8.06 -16.19
N GLY A 106 -2.32 8.84 -15.31
CA GLY A 106 -2.94 9.35 -14.12
C GLY A 106 -3.80 10.56 -14.42
N PRO A 107 -4.41 11.11 -13.34
CA PRO A 107 -5.36 12.23 -13.37
C PRO A 107 -4.96 13.42 -14.25
N ILE A 119 -12.00 17.14 -12.27
CA ILE A 119 -12.54 17.01 -10.91
C ILE A 119 -11.60 17.62 -9.89
N ILE A 120 -11.65 18.92 -9.64
CA ILE A 120 -10.85 19.45 -8.54
C ILE A 120 -11.85 20.21 -7.67
N ALA A 121 -11.76 20.12 -6.34
CA ALA A 121 -10.61 19.62 -5.59
C ALA A 121 -10.58 18.10 -5.32
N ALA A 122 -10.12 17.33 -6.31
CA ALA A 122 -10.01 15.89 -6.17
C ALA A 122 -8.98 15.33 -7.14
N ASN A 123 -8.14 14.44 -6.66
CA ASN A 123 -7.33 13.64 -7.56
C ASN A 123 -8.14 12.40 -7.93
N HIS A 124 -8.07 11.99 -9.21
CA HIS A 124 -8.84 10.86 -9.70
C HIS A 124 -7.95 9.88 -10.45
N TRP A 125 -8.01 8.61 -10.05
CA TRP A 125 -7.28 7.54 -10.71
C TRP A 125 -8.22 6.41 -11.09
N VAL A 126 -8.06 5.90 -12.30
CA VAL A 126 -8.66 4.63 -12.71
C VAL A 126 -7.80 3.50 -12.17
N LEU A 127 -8.46 2.47 -11.65
CA LEU A 127 -7.77 1.37 -10.98
C LEU A 127 -7.83 0.08 -11.79
N PRO A 128 -6.73 -0.70 -11.78
CA PRO A 128 -5.47 -0.46 -11.06
C PRO A 128 -4.70 0.65 -11.70
N ALA A 129 -4.12 1.52 -10.91
CA ALA A 129 -3.42 2.66 -11.45
C ALA A 129 -1.93 2.40 -11.41
N ALA A 130 -1.25 2.82 -12.48
CA ALA A 130 0.19 2.68 -12.55
C ALA A 130 0.90 3.40 -11.42
N GLU A 131 0.30 4.46 -10.87
CA GLU A 131 0.92 5.16 -9.75
C GLU A 131 1.00 4.30 -8.48
N PHE A 132 0.06 3.37 -8.29
CA PHE A 132 -0.01 2.61 -7.04
C PHE A 132 0.65 1.25 -7.15
N HIS A 133 1.26 0.97 -8.30
CA HIS A 133 1.94 -0.29 -8.50
C HIS A 133 3.10 -0.41 -7.52
N GLY A 134 3.12 -1.50 -6.75
CA GLY A 134 4.12 -1.69 -5.72
C GLY A 134 3.91 -0.93 -4.42
N LEU A 135 2.90 -0.06 -4.33
CA LEU A 135 2.66 0.69 -3.10
C LEU A 135 2.41 -0.26 -1.93
N TRP A 136 1.53 -1.23 -2.14
CA TRP A 136 1.16 -2.22 -1.12
C TRP A 136 2.41 -2.83 -0.47
N ASP A 137 3.25 -3.47 -1.27
CA ASP A 137 4.45 -4.11 -0.74
C ASP A 137 5.42 -3.13 -0.12
N SER A 138 5.38 -1.86 -0.53
CA SER A 138 6.30 -0.89 0.07
C SER A 138 5.95 -0.60 1.53
N LEU A 139 4.72 -0.87 1.94
CA LEU A 139 4.26 -0.62 3.30
C LEU A 139 4.53 -1.85 4.17
N VAL A 140 5.47 -1.72 5.10
CA VAL A 140 5.84 -2.77 6.03
C VAL A 140 5.15 -2.49 7.35
N TYR A 141 4.30 -3.40 7.80
CA TYR A 141 3.69 -3.30 9.11
C TYR A 141 4.09 -4.51 9.96
N ASP A 142 3.89 -4.39 11.28
CA ASP A 142 4.30 -5.44 12.19
C ASP A 142 3.29 -6.57 12.23
N VAL A 143 2.02 -6.23 12.36
CA VAL A 143 1.04 -7.13 12.91
C VAL A 143 0.21 -7.82 11.81
N GLU A 144 0.64 -7.72 10.56
CA GLU A 144 -0.19 -8.16 9.45
C GLU A 144 -1.53 -7.43 9.46
N VAL A 145 -1.42 -6.11 9.54
CA VAL A 145 -2.56 -5.23 9.45
C VAL A 145 -3.15 -5.24 8.05
N LYS A 146 -2.29 -5.31 7.03
CA LYS A 146 -2.76 -5.24 5.65
C LYS A 146 -3.65 -6.44 5.34
N SER A 147 -3.29 -7.62 5.86
CA SER A 147 -4.10 -8.81 5.63
C SER A 147 -5.49 -8.63 6.20
N HIS A 148 -5.57 -8.27 7.48
CA HIS A 148 -6.86 -8.12 8.13
C HIS A 148 -7.69 -7.04 7.45
N LEU A 149 -7.07 -5.90 7.17
CA LEU A 149 -7.74 -4.81 6.49
C LEU A 149 -8.37 -5.28 5.19
N LEU A 150 -7.64 -6.08 4.41
CA LEU A 150 -8.19 -6.59 3.17
C LEU A 150 -9.36 -7.53 3.43
N ASP A 151 -9.19 -8.43 4.40
CA ASP A 151 -10.24 -9.39 4.74
C ASP A 151 -11.50 -8.68 5.20
N TYR A 152 -11.36 -7.65 6.04
CA TYR A 152 -12.52 -6.90 6.51
C TYR A 152 -13.33 -6.32 5.35
N VAL A 153 -12.64 -5.62 4.44
CA VAL A 153 -13.33 -4.96 3.35
C VAL A 153 -13.85 -5.99 2.35
N MET A 154 -13.10 -7.08 2.17
CA MET A 154 -13.59 -8.20 1.37
C MET A 154 -14.92 -8.71 1.90
N THR A 155 -14.97 -9.03 3.19
CA THR A 155 -16.23 -9.51 3.79
C THR A 155 -17.31 -8.44 3.71
N THR A 156 -16.92 -7.17 3.84
CA THR A 156 -17.89 -6.09 3.70
C THR A 156 -18.51 -6.09 2.31
N LEU A 157 -17.67 -6.17 1.28
CA LEU A 157 -18.19 -6.19 -0.09
C LEU A 157 -19.02 -7.44 -0.34
N LEU A 158 -18.57 -8.59 0.19
CA LEU A 158 -19.36 -9.79 0.03
C LEU A 158 -20.73 -9.61 0.67
N PHE A 159 -20.76 -9.00 1.86
CA PHE A 159 -22.02 -8.80 2.57
C PHE A 159 -22.91 -7.81 1.83
N SER A 160 -22.34 -6.70 1.36
CA SER A 160 -23.07 -5.78 0.49
C SER A 160 -23.69 -6.51 -0.69
N ASP A 161 -22.86 -7.30 -1.36
CA ASP A 161 -23.23 -7.87 -2.63
C ASP A 161 -24.36 -8.90 -2.48
N LYS A 162 -24.41 -9.60 -1.34
CA LYS A 162 -25.45 -10.60 -1.10
C LYS A 162 -26.62 -10.03 -0.34
N ASN A 163 -26.58 -8.73 -0.02
CA ASN A 163 -27.69 -8.03 0.63
C ASN A 163 -27.93 -8.51 2.06
N VAL A 164 -26.85 -8.73 2.82
CA VAL A 164 -26.99 -9.05 4.23
C VAL A 164 -27.68 -7.90 4.95
N ASN A 165 -28.81 -8.18 5.58
CA ASN A 165 -29.43 -7.18 6.44
C ASN A 165 -28.45 -6.67 7.48
N SER A 166 -28.05 -5.40 7.38
CA SER A 166 -27.17 -4.83 8.39
C SER A 166 -27.86 -4.64 9.75
N ASN A 167 -29.19 -4.78 9.82
CA ASN A 167 -29.85 -4.79 11.11
C ASN A 167 -29.54 -6.05 11.90
N LEU A 168 -29.00 -7.07 11.25
CA LEU A 168 -28.78 -8.35 11.89
C LEU A 168 -27.32 -8.73 12.00
N ILE A 169 -26.51 -8.33 11.03
CA ILE A 169 -25.05 -8.47 11.09
C ILE A 169 -24.44 -7.13 10.72
N THR A 170 -23.46 -6.68 11.50
CA THR A 170 -23.01 -5.30 11.43
C THR A 170 -21.98 -5.13 10.33
N TRP A 171 -22.29 -4.31 9.33
CA TRP A 171 -21.32 -3.96 8.30
C TRP A 171 -21.71 -2.62 7.70
N ASN A 172 -20.75 -1.96 7.07
CA ASN A 172 -20.99 -0.72 6.34
C ASN A 172 -19.81 -0.46 5.42
N ARG A 173 -19.91 0.61 4.65
CA ARG A 173 -18.98 0.90 3.56
C ARG A 173 -17.94 1.95 3.93
N VAL A 174 -17.69 2.18 5.22
CA VAL A 174 -16.77 3.21 5.70
C VAL A 174 -15.59 2.54 6.40
N VAL A 175 -14.37 2.99 6.09
CA VAL A 175 -13.13 2.52 6.68
C VAL A 175 -12.39 3.74 7.23
N LEU A 176 -11.85 3.60 8.45
CA LEU A 176 -11.08 4.67 9.07
C LEU A 176 -9.73 4.11 9.48
N LEU A 177 -8.67 4.64 8.90
CA LEU A 177 -7.30 4.38 9.32
C LEU A 177 -6.85 5.57 10.15
N HIS A 178 -6.54 5.33 11.41
CA HIS A 178 -6.11 6.41 12.29
C HIS A 178 -4.81 6.04 12.97
N GLY A 179 -4.06 7.05 13.34
CA GLY A 179 -2.74 6.88 13.87
C GLY A 179 -1.97 8.17 13.66
N PRO A 180 -0.74 8.23 14.14
CA PRO A 180 0.04 9.47 14.06
C PRO A 180 0.45 9.75 12.63
N PRO A 181 0.90 10.96 12.33
CA PRO A 181 1.30 11.25 10.94
C PRO A 181 2.54 10.47 10.54
N GLY A 182 2.61 10.14 9.24
CA GLY A 182 3.76 9.45 8.71
C GLY A 182 3.69 7.95 8.77
N THR A 183 2.54 7.39 9.12
CA THR A 183 2.41 5.97 9.34
C THR A 183 2.07 5.20 8.07
N GLY A 184 1.79 5.89 6.98
CA GLY A 184 1.42 5.21 5.76
C GLY A 184 -0.05 5.10 5.54
N LYS A 185 -0.86 5.85 6.29
CA LYS A 185 -2.31 5.70 6.21
C LYS A 185 -2.84 5.98 4.80
N THR A 186 -2.54 7.17 4.25
CA THR A 186 -3.04 7.50 2.92
C THR A 186 -2.58 6.50 1.87
N SER A 187 -1.27 6.20 1.85
CA SER A 187 -0.73 5.16 0.97
C SER A 187 -1.49 3.86 1.14
N LEU A 188 -1.74 3.46 2.38
CA LEU A 188 -2.43 2.20 2.64
C LEU A 188 -3.85 2.21 2.09
N CYS A 189 -4.51 3.38 2.11
CA CYS A 189 -5.82 3.49 1.48
C CYS A 189 -5.71 3.28 -0.04
N LYS A 190 -4.78 3.99 -0.68
CA LYS A 190 -4.62 3.81 -2.11
C LYS A 190 -4.21 2.38 -2.45
N ALA A 191 -3.28 1.81 -1.68
CA ALA A 191 -2.84 0.45 -1.95
C ALA A 191 -3.94 -0.56 -1.68
N LEU A 192 -4.75 -0.32 -0.64
CA LEU A 192 -5.91 -1.17 -0.39
C LEU A 192 -6.93 -1.10 -1.55
N ALA A 193 -7.19 0.11 -2.05
CA ALA A 193 -8.11 0.23 -3.18
C ALA A 193 -7.60 -0.54 -4.39
N GLN A 194 -6.29 -0.44 -4.65
CA GLN A 194 -5.68 -1.16 -5.77
C GLN A 194 -5.81 -2.68 -5.59
N LYS A 195 -5.42 -3.18 -4.41
CA LYS A 195 -5.53 -4.61 -4.10
C LYS A 195 -6.94 -5.12 -4.30
N LEU A 196 -7.91 -4.45 -3.68
CA LEU A 196 -9.29 -4.87 -3.79
C LEU A 196 -9.71 -4.95 -5.24
N THR A 197 -9.33 -3.95 -6.05
CA THR A 197 -9.70 -3.93 -7.45
C THR A 197 -9.09 -5.09 -8.20
N ILE A 198 -7.81 -5.34 -7.96
CA ILE A 198 -7.11 -6.47 -8.58
C ILE A 198 -7.71 -7.80 -8.15
N ARG A 199 -8.08 -7.92 -6.88
CA ARG A 199 -8.55 -9.21 -6.36
C ARG A 199 -10.01 -9.49 -6.65
N LEU A 200 -10.79 -8.47 -6.98
CA LEU A 200 -12.21 -8.64 -7.27
C LEU A 200 -12.53 -8.45 -8.75
N SER A 201 -11.59 -8.81 -9.64
CA SER A 201 -11.82 -8.66 -11.08
C SER A 201 -13.01 -9.47 -11.56
N SER A 202 -13.34 -10.57 -10.87
CA SER A 202 -14.49 -11.37 -11.25
C SER A 202 -15.80 -10.61 -11.05
N ARG A 203 -15.86 -9.74 -10.05
CA ARG A 203 -17.09 -9.02 -9.72
C ARG A 203 -17.13 -7.63 -10.37
N TYR A 204 -15.97 -7.01 -10.56
CA TYR A 204 -15.86 -5.65 -11.07
C TYR A 204 -14.80 -5.60 -12.15
N ARG A 205 -15.10 -4.91 -13.25
CA ARG A 205 -14.13 -4.89 -14.35
C ARG A 205 -12.98 -3.93 -14.07
N TYR A 206 -13.22 -2.86 -13.31
CA TYR A 206 -12.16 -1.91 -12.97
C TYR A 206 -12.57 -1.14 -11.74
N GLY A 207 -11.66 -0.30 -11.23
CA GLY A 207 -11.89 0.45 -10.03
C GLY A 207 -11.71 1.95 -10.28
N GLN A 208 -12.07 2.73 -9.26
CA GLN A 208 -11.92 4.18 -9.29
C GLN A 208 -11.52 4.65 -7.91
N LEU A 209 -10.61 5.61 -7.84
CA LEU A 209 -10.27 6.26 -6.58
C LEU A 209 -10.35 7.75 -6.77
N ILE A 210 -11.15 8.40 -5.93
CA ILE A 210 -11.24 9.85 -5.84
C ILE A 210 -10.70 10.25 -4.47
N GLU A 211 -9.65 11.08 -4.47
CA GLU A 211 -9.02 11.52 -3.22
C GLU A 211 -9.39 12.98 -3.04
N ILE A 212 -10.33 13.22 -2.13
CA ILE A 212 -10.69 14.58 -1.79
C ILE A 212 -9.63 15.15 -0.86
N ASN A 213 -9.15 16.34 -1.19
CA ASN A 213 -8.23 17.07 -0.34
C ASN A 213 -9.03 17.84 0.71
N SER A 214 -8.88 17.46 1.97
CA SER A 214 -9.55 18.15 3.06
C SER A 214 -9.40 19.67 2.93
N HIS A 215 -8.19 20.15 2.65
CA HIS A 215 -7.94 21.58 2.51
C HIS A 215 -8.59 22.11 1.24
N SER A 216 -9.66 22.90 1.42
CA SER A 216 -10.39 23.52 0.31
C SER A 216 -11.43 24.51 0.85
N LYS A 227 -21.92 24.18 -3.35
CA LYS A 227 -21.91 24.75 -4.70
C LYS A 227 -20.87 24.02 -5.54
N LEU A 228 -19.62 24.43 -5.40
CA LEU A 228 -18.52 23.71 -6.03
C LEU A 228 -18.44 22.28 -5.50
N VAL A 229 -18.81 22.07 -4.23
CA VAL A 229 -18.88 20.71 -3.70
C VAL A 229 -19.87 19.89 -4.50
N THR A 230 -21.04 20.44 -4.74
CA THR A 230 -22.08 19.72 -5.45
C THR A 230 -21.63 19.34 -6.85
N LYS A 231 -20.74 20.12 -7.46
CA LYS A 231 -20.20 19.77 -8.78
C LYS A 231 -19.23 18.61 -8.70
N MET A 232 -18.39 18.58 -7.66
CA MET A 232 -17.44 17.48 -7.51
C MET A 232 -18.15 16.17 -7.15
N PHE A 233 -19.24 16.24 -6.42
CA PHE A 233 -19.94 15.00 -6.10
C PHE A 233 -20.87 14.56 -7.21
N GLN A 234 -21.29 15.50 -8.07
CA GLN A 234 -21.91 15.09 -9.33
C GLN A 234 -20.95 14.23 -10.14
N LYS A 235 -19.68 14.63 -10.19
CA LYS A 235 -18.69 13.86 -10.92
C LYS A 235 -18.58 12.45 -10.35
N ILE A 236 -18.51 12.33 -9.02
CA ILE A 236 -18.35 11.01 -8.41
C ILE A 236 -19.58 10.13 -8.69
N GLN A 237 -20.77 10.72 -8.62
CA GLN A 237 -21.97 9.91 -8.88
C GLN A 237 -21.95 9.31 -10.29
N ASP A 238 -21.47 10.08 -11.27
CA ASP A 238 -21.42 9.57 -12.64
C ASP A 238 -20.51 8.36 -12.78
N LEU A 239 -19.39 8.33 -12.03
CA LEU A 239 -18.58 7.10 -11.99
C LEU A 239 -19.33 5.95 -11.35
N ILE A 240 -20.07 6.23 -10.27
CA ILE A 240 -20.76 5.17 -9.55
C ILE A 240 -21.87 4.56 -10.39
N ASP A 241 -22.46 5.35 -11.31
CA ASP A 241 -23.55 4.85 -12.14
C ASP A 241 -23.13 3.64 -12.99
N ASP A 242 -21.83 3.44 -13.20
CA ASP A 242 -21.30 2.28 -13.92
C ASP A 242 -21.08 1.17 -12.90
N LYS A 243 -22.04 0.24 -12.80
CA LYS A 243 -21.95 -0.84 -11.83
C LYS A 243 -20.83 -1.83 -12.11
N ASP A 244 -20.18 -1.75 -13.26
CA ASP A 244 -18.97 -2.54 -13.46
C ASP A 244 -17.77 -1.99 -12.70
N ALA A 245 -17.91 -0.83 -12.08
CA ALA A 245 -16.82 -0.16 -11.39
C ALA A 245 -17.01 -0.26 -9.89
N LEU A 246 -15.90 -0.48 -9.19
CA LEU A 246 -15.88 -0.41 -7.74
C LEU A 246 -15.25 0.93 -7.37
N VAL A 247 -16.05 1.84 -6.82
CA VAL A 247 -15.65 3.22 -6.63
C VAL A 247 -15.21 3.45 -5.19
N PHE A 248 -14.00 3.98 -5.03
CA PHE A 248 -13.44 4.33 -3.73
C PHE A 248 -13.40 5.84 -3.59
N VAL A 249 -13.88 6.35 -2.47
CA VAL A 249 -13.80 7.77 -2.15
C VAL A 249 -12.99 7.93 -0.87
N LEU A 250 -11.95 8.76 -0.94
CA LEU A 250 -10.94 8.87 0.09
C LEU A 250 -10.92 10.30 0.60
N ILE A 251 -11.17 10.48 1.88
CA ILE A 251 -11.17 11.80 2.49
C ILE A 251 -9.98 11.83 3.43
N ASP A 252 -8.93 12.52 3.02
CA ASP A 252 -7.71 12.54 3.81
C ASP A 252 -7.87 13.43 5.03
N GLN A 253 -7.34 12.98 6.16
CA GLN A 253 -7.25 13.78 7.40
C GLN A 253 -8.59 14.42 7.76
N VAL A 254 -9.58 13.56 8.04
CA VAL A 254 -10.92 14.05 8.30
C VAL A 254 -10.97 14.96 9.50
N GLU A 255 -10.06 14.78 10.46
CA GLU A 255 -10.05 15.66 11.64
C GLU A 255 -9.93 17.13 11.24
N SER A 256 -9.42 17.39 10.04
CA SER A 256 -9.23 18.76 9.57
C SER A 256 -10.56 19.50 9.41
N LEU A 257 -11.65 18.75 9.19
CA LEU A 257 -12.95 19.38 9.01
C LEU A 257 -13.47 19.98 10.31
N THR A 258 -13.40 19.23 11.40
CA THR A 258 -13.83 19.76 12.68
C THR A 258 -12.84 20.77 13.25
N ALA A 259 -11.56 20.72 12.83
CA ALA A 259 -10.60 21.74 13.24
C ALA A 259 -10.87 23.06 12.53
N ALA A 260 -11.12 23.00 11.21
CA ALA A 260 -11.48 24.17 10.42
C ALA A 260 -12.96 24.51 10.70
N ARG A 261 -13.21 24.93 11.93
CA ARG A 261 -14.57 25.20 12.39
C ARG A 261 -14.56 25.80 13.80
N ASP A 272 -19.28 30.18 7.41
CA ASP A 272 -19.24 29.63 6.05
C ASP A 272 -18.64 28.24 6.06
N ALA A 273 -17.55 28.07 6.81
CA ALA A 273 -16.91 26.76 6.90
C ALA A 273 -17.85 25.72 7.51
N ILE A 274 -18.84 26.17 8.29
CA ILE A 274 -19.85 25.25 8.81
C ILE A 274 -20.66 24.65 7.67
N ARG A 275 -21.11 25.51 6.74
CA ARG A 275 -21.96 25.04 5.65
C ARG A 275 -21.21 24.11 4.70
N VAL A 276 -19.96 24.43 4.39
CA VAL A 276 -19.19 23.59 3.46
C VAL A 276 -19.01 22.19 4.04
N VAL A 277 -18.85 22.08 5.35
CA VAL A 277 -18.66 20.77 5.95
C VAL A 277 -19.95 19.96 5.92
N ASN A 278 -21.06 20.58 6.32
CA ASN A 278 -22.31 19.83 6.39
C ASN A 278 -22.77 19.39 5.00
N ALA A 279 -22.37 20.11 3.95
CA ALA A 279 -22.72 19.71 2.59
C ALA A 279 -21.95 18.47 2.16
N VAL A 280 -20.68 18.38 2.55
CA VAL A 280 -19.90 17.21 2.20
C VAL A 280 -20.43 15.98 2.93
N LEU A 281 -20.88 16.16 4.17
CA LEU A 281 -21.45 15.05 4.91
C LEU A 281 -22.69 14.50 4.21
N THR A 282 -23.62 15.38 3.86
CA THR A 282 -24.83 14.92 3.18
C THR A 282 -24.51 14.27 1.84
N GLN A 283 -23.46 14.73 1.15
CA GLN A 283 -23.10 14.10 -0.11
C GLN A 283 -22.51 12.71 0.11
N ILE A 284 -21.70 12.54 1.16
CA ILE A 284 -21.17 11.21 1.50
C ILE A 284 -22.31 10.27 1.80
N ASP A 285 -23.24 10.72 2.66
CA ASP A 285 -24.40 9.92 3.00
C ASP A 285 -25.18 9.48 1.77
N GLN A 286 -25.18 10.30 0.71
CA GLN A 286 -25.90 9.90 -0.50
C GLN A 286 -25.16 8.79 -1.25
N ILE A 287 -23.84 8.89 -1.38
CA ILE A 287 -23.17 7.90 -2.21
C ILE A 287 -22.89 6.60 -1.48
N LYS A 288 -22.82 6.60 -0.14
CA LYS A 288 -22.62 5.32 0.56
C LYS A 288 -23.83 4.40 0.43
N ARG A 289 -24.94 4.88 -0.15
CA ARG A 289 -26.12 4.06 -0.42
C ARG A 289 -25.91 3.07 -1.58
N HIS A 290 -24.82 3.17 -2.34
CA HIS A 290 -24.68 2.37 -3.54
C HIS A 290 -23.83 1.14 -3.30
N SER A 291 -24.16 0.06 -4.03
CA SER A 291 -23.54 -1.24 -3.83
C SER A 291 -22.06 -1.23 -4.14
N ASN A 292 -21.62 -0.37 -5.07
CA ASN A 292 -20.25 -0.41 -5.58
C ASN A 292 -19.38 0.70 -5.00
N VAL A 293 -19.67 1.16 -3.79
CA VAL A 293 -18.96 2.27 -3.16
C VAL A 293 -18.30 1.81 -1.87
N VAL A 294 -17.01 2.14 -1.71
CA VAL A 294 -16.31 2.07 -0.44
C VAL A 294 -15.81 3.45 -0.12
N ILE A 295 -15.92 3.85 1.15
CA ILE A 295 -15.49 5.15 1.61
C ILE A 295 -14.29 4.94 2.51
N LEU A 296 -13.18 5.59 2.17
CA LEU A 296 -11.91 5.47 2.90
C LEU A 296 -11.59 6.80 3.55
N THR A 297 -11.24 6.77 4.84
CA THR A 297 -10.91 8.00 5.57
C THR A 297 -9.71 7.74 6.46
N THR A 298 -8.92 8.80 6.71
CA THR A 298 -7.76 8.71 7.57
C THR A 298 -7.80 9.85 8.58
N SER A 299 -7.16 9.61 9.71
CA SER A 299 -7.06 10.66 10.73
C SER A 299 -5.73 10.56 11.44
N ASN A 300 -5.06 11.72 11.59
CA ASN A 300 -3.77 11.82 12.27
C ASN A 300 -3.90 12.01 13.77
N ILE A 301 -5.11 12.21 14.29
CA ILE A 301 -5.33 12.22 15.71
C ILE A 301 -6.04 10.91 16.04
N THR A 302 -5.30 9.98 16.62
CA THR A 302 -5.86 8.65 16.78
C THR A 302 -6.66 8.53 18.07
N GLU A 303 -6.21 9.18 19.13
CA GLU A 303 -6.90 9.03 20.40
C GLU A 303 -8.20 9.81 20.44
N LYS A 304 -8.30 10.91 19.70
CA LYS A 304 -9.44 11.79 19.79
C LYS A 304 -10.63 11.22 19.00
N ILE A 305 -11.76 11.06 19.70
CA ILE A 305 -13.03 10.83 19.04
C ILE A 305 -13.29 11.98 18.07
N ASP A 306 -14.03 11.69 16.99
CA ASP A 306 -14.24 12.68 15.95
C ASP A 306 -15.69 12.66 15.49
N VAL A 307 -16.16 13.84 15.07
CA VAL A 307 -17.46 13.99 14.42
C VAL A 307 -17.23 14.07 12.90
N ALA A 308 -17.93 13.27 12.09
CA ALA A 308 -18.85 12.23 12.55
C ALA A 308 -18.47 10.90 11.93
N PHE A 309 -17.20 10.82 11.46
CA PHE A 309 -16.68 9.59 10.85
C PHE A 309 -16.34 8.53 11.89
N VAL A 310 -16.34 8.88 13.18
CA VAL A 310 -16.05 7.89 14.22
C VAL A 310 -17.16 6.85 14.27
N ASP A 311 -18.36 7.27 14.66
CA ASP A 311 -19.50 6.37 14.60
C ASP A 311 -19.84 5.98 13.17
N ARG A 312 -19.30 6.67 12.17
CA ARG A 312 -19.63 6.37 10.79
C ARG A 312 -18.99 5.08 10.29
N ALA A 313 -18.06 4.46 11.03
CA ALA A 313 -17.11 3.52 10.42
C ALA A 313 -17.13 2.18 11.14
N ASP A 314 -17.65 1.15 10.46
CA ASP A 314 -17.61 -0.19 11.04
C ASP A 314 -16.26 -0.89 10.86
N ILE A 315 -15.33 -0.27 10.14
CA ILE A 315 -13.96 -0.75 10.07
C ILE A 315 -13.08 0.39 10.55
N LYS A 316 -12.64 0.29 11.80
CA LYS A 316 -11.65 1.20 12.35
C LYS A 316 -10.34 0.45 12.55
N GLN A 317 -9.23 1.13 12.32
CA GLN A 317 -7.93 0.46 12.36
C GLN A 317 -6.83 1.45 12.70
N TYR A 318 -6.15 1.17 13.81
CA TYR A 318 -5.00 1.93 14.23
C TYR A 318 -3.80 1.55 13.38
N ILE A 319 -3.00 2.56 13.02
CA ILE A 319 -1.76 2.36 12.31
C ILE A 319 -0.70 3.16 13.07
N GLY A 320 0.33 2.47 13.55
CA GLY A 320 1.36 3.11 14.35
C GLY A 320 2.74 3.00 13.73
N PRO A 321 3.73 3.65 14.34
CA PRO A 321 5.07 3.73 13.74
C PRO A 321 5.74 2.37 13.69
N PRO A 322 6.72 2.20 12.80
CA PRO A 322 7.34 0.88 12.65
C PRO A 322 8.13 0.48 13.89
N SER A 323 8.04 -0.78 14.26
CA SER A 323 8.94 -1.35 15.24
C SER A 323 10.32 -1.62 14.62
N ALA A 324 11.30 -1.82 15.51
CA ALA A 324 12.68 -2.09 15.08
C ALA A 324 12.77 -3.26 14.10
N ALA A 325 11.88 -4.23 14.21
CA ALA A 325 11.87 -5.32 13.24
C ALA A 325 11.42 -4.82 11.89
N ALA A 326 10.29 -4.11 11.87
CA ALA A 326 9.76 -3.56 10.63
C ALA A 326 10.74 -2.60 10.01
N ILE A 327 11.34 -1.72 10.82
CA ILE A 327 12.37 -0.81 10.33
C ILE A 327 13.46 -1.57 9.59
N PHE A 328 13.93 -2.67 10.16
CA PHE A 328 14.97 -3.46 9.52
C PHE A 328 14.55 -3.92 8.13
N LYS A 329 13.35 -4.48 8.00
CA LYS A 329 12.87 -4.88 6.69
C LYS A 329 12.76 -3.67 5.76
N ILE A 330 12.36 -2.51 6.32
CA ILE A 330 12.21 -1.31 5.50
C ILE A 330 13.55 -0.89 4.91
N TYR A 331 14.57 -0.76 5.76
CA TYR A 331 15.91 -0.44 5.29
C TYR A 331 16.42 -1.48 4.28
N LEU A 332 16.18 -2.77 4.55
CA LEU A 332 16.56 -3.80 3.58
C LEU A 332 15.97 -3.53 2.21
N SER A 333 14.70 -3.11 2.16
CA SER A 333 14.08 -2.88 0.87
C SER A 333 14.71 -1.67 0.18
N CYS A 334 15.17 -0.69 0.96
CA CYS A 334 15.89 0.45 0.39
C CYS A 334 17.25 0.02 -0.14
N LEU A 335 18.02 -0.70 0.65
CA LEU A 335 19.36 -1.08 0.22
C LEU A 335 19.31 -2.01 -0.99
N GLU A 336 18.33 -2.91 -1.03
CA GLU A 336 18.16 -3.75 -2.21
C GLU A 336 17.97 -2.89 -3.45
N GLU A 337 17.09 -1.90 -3.36
CA GLU A 337 16.83 -1.04 -4.50
C GLU A 337 18.12 -0.36 -4.96
N LEU A 338 18.90 0.17 -4.00
CA LEU A 338 20.15 0.83 -4.37
C LEU A 338 21.12 -0.14 -5.01
N MET A 339 21.15 -1.38 -4.54
CA MET A 339 21.99 -2.37 -5.21
C MET A 339 21.45 -2.69 -6.59
N LYS A 340 20.12 -2.82 -6.71
CA LYS A 340 19.53 -3.06 -8.01
C LYS A 340 19.97 -1.99 -9.01
N CYS A 341 19.78 -0.71 -8.66
CA CYS A 341 20.23 0.41 -9.47
C CYS A 341 21.73 0.60 -9.41
N GLN A 342 22.43 -0.21 -8.63
CA GLN A 342 23.90 -0.21 -8.55
C GLN A 342 24.46 1.12 -8.09
N ILE A 343 23.66 1.89 -7.36
CA ILE A 343 24.22 3.03 -6.61
C ILE A 343 25.07 2.51 -5.46
N ILE A 344 24.66 1.40 -4.85
CA ILE A 344 25.54 0.63 -3.96
C ILE A 344 26.22 -0.43 -4.80
N TYR A 345 27.54 -0.42 -4.80
CA TYR A 345 28.34 -1.35 -5.58
C TYR A 345 29.63 -1.59 -4.82
N PRO A 346 30.09 -2.84 -4.80
CA PRO A 346 29.41 -4.00 -5.40
C PRO A 346 28.29 -4.53 -4.55
N ARG A 347 27.48 -5.40 -5.13
CA ARG A 347 26.38 -6.03 -4.42
C ARG A 347 26.91 -7.00 -3.36
N GLN A 348 26.33 -6.95 -2.16
CA GLN A 348 26.61 -7.93 -1.12
C GLN A 348 25.31 -8.55 -0.64
N GLN A 349 25.43 -9.73 -0.03
CA GLN A 349 24.29 -10.40 0.57
C GLN A 349 24.02 -9.79 1.95
N LEU A 350 22.75 -9.50 2.22
CA LEU A 350 22.35 -9.08 3.54
C LEU A 350 21.48 -10.16 4.16
N LEU A 351 21.56 -10.31 5.47
CA LEU A 351 20.83 -11.37 6.15
C LEU A 351 19.58 -10.80 6.80
N THR A 352 18.53 -11.62 6.84
CA THR A 352 17.32 -11.28 7.58
C THR A 352 17.55 -11.47 9.08
N LEU A 353 16.60 -10.97 9.87
CA LEU A 353 16.67 -11.20 11.31
C LEU A 353 16.57 -12.68 11.63
N ARG A 354 15.75 -13.41 10.87
CA ARG A 354 15.64 -14.84 11.10
C ARG A 354 16.97 -15.53 10.87
N GLU A 355 17.68 -15.15 9.80
CA GLU A 355 19.01 -15.71 9.55
C GLU A 355 19.99 -15.34 10.65
N LEU A 356 20.01 -14.06 11.03
CA LEU A 356 20.82 -13.63 12.17
C LEU A 356 20.50 -14.48 13.41
N GLU A 357 19.21 -14.67 13.69
CA GLU A 357 18.83 -15.48 14.85
C GLU A 357 19.30 -16.91 14.72
N MET A 358 19.46 -17.42 13.50
CA MET A 358 19.91 -18.80 13.33
C MET A 358 21.39 -18.97 13.56
N ILE A 359 22.15 -17.88 13.47
CA ILE A 359 23.58 -17.89 13.79
C ILE A 359 23.84 -17.20 15.13
N GLY A 360 22.81 -16.97 15.91
CA GLY A 360 23.00 -16.40 17.23
C GLY A 360 23.61 -15.02 17.25
N PHE A 361 23.51 -14.30 16.14
CA PHE A 361 24.11 -12.97 16.01
C PHE A 361 25.61 -12.99 16.24
N ILE A 362 26.24 -14.12 15.91
CA ILE A 362 27.69 -14.12 15.82
C ILE A 362 28.09 -13.11 14.75
N GLU A 363 29.18 -12.40 14.99
CA GLU A 363 29.71 -11.45 14.03
C GLU A 363 30.79 -12.14 13.21
N ASN A 364 30.64 -12.11 11.89
CA ASN A 364 31.66 -12.57 10.95
C ASN A 364 31.42 -11.88 9.61
N ASN A 365 32.11 -12.35 8.57
CA ASN A 365 32.05 -11.71 7.27
C ASN A 365 30.66 -11.79 6.67
N VAL A 366 29.97 -12.90 6.90
CA VAL A 366 28.58 -13.01 6.44
C VAL A 366 27.67 -12.06 7.21
N SER A 367 27.87 -11.94 8.53
CA SER A 367 26.89 -11.29 9.38
C SER A 367 27.21 -9.84 9.68
N LYS A 368 28.49 -9.46 9.70
CA LYS A 368 28.91 -8.17 10.25
C LYS A 368 28.01 -7.03 9.81
N LEU A 369 27.88 -6.83 8.49
CA LEU A 369 27.11 -5.68 8.00
C LEU A 369 25.63 -5.83 8.29
N SER A 370 25.08 -7.04 8.20
CA SER A 370 23.68 -7.20 8.56
C SER A 370 23.47 -6.89 10.05
N LEU A 371 24.41 -7.32 10.90
CA LEU A 371 24.36 -6.94 12.31
C LEU A 371 24.39 -5.42 12.46
N LEU A 372 25.23 -4.76 11.68
CA LEU A 372 25.32 -3.31 11.75
C LEU A 372 24.01 -2.65 11.35
N LEU A 373 23.34 -3.22 10.35
CA LEU A 373 22.04 -2.69 9.96
C LEU A 373 21.01 -2.91 11.07
N ASN A 374 20.98 -4.13 11.64
CA ASN A 374 20.11 -4.39 12.77
C ASN A 374 20.30 -3.33 13.85
N ASP A 375 21.55 -3.02 14.18
CA ASP A 375 21.81 -2.01 15.20
C ASP A 375 21.42 -0.60 14.73
N ILE A 376 21.47 -0.33 13.42
CA ILE A 376 20.96 0.94 12.94
C ILE A 376 19.43 0.98 13.03
N SER A 377 18.78 -0.16 12.76
CA SER A 377 17.33 -0.22 12.88
C SER A 377 16.89 0.11 14.30
N ARG A 378 17.63 -0.38 15.29
CA ARG A 378 17.23 -0.18 16.67
C ARG A 378 17.34 1.28 17.08
N LYS A 379 18.41 1.97 16.67
CA LYS A 379 18.44 3.38 17.05
C LYS A 379 17.58 4.27 16.15
N SER A 380 16.90 3.69 15.15
CA SER A 380 15.89 4.41 14.40
C SER A 380 14.50 4.30 15.01
N GLU A 381 14.32 3.55 16.10
CA GLU A 381 13.01 3.43 16.71
C GLU A 381 12.49 4.79 17.15
N GLY A 382 11.23 5.06 16.84
CA GLY A 382 10.66 6.38 17.03
C GLY A 382 10.38 7.09 15.72
N LEU A 383 11.19 6.85 14.70
CA LEU A 383 10.94 7.49 13.42
C LEU A 383 9.75 6.86 12.74
N SER A 384 8.99 7.69 12.03
CA SER A 384 7.89 7.23 11.20
C SER A 384 8.44 6.62 9.90
N GLY A 385 7.57 5.91 9.19
CA GLY A 385 7.98 5.31 7.94
C GLY A 385 8.31 6.33 6.88
N ARG A 386 7.60 7.47 6.89
CA ARG A 386 7.94 8.56 5.96
C ARG A 386 9.39 8.97 6.12
N VAL A 387 9.80 9.26 7.35
CA VAL A 387 11.19 9.62 7.61
C VAL A 387 12.12 8.48 7.20
N LEU A 388 11.72 7.24 7.47
CA LEU A 388 12.63 6.13 7.23
C LEU A 388 12.91 5.95 5.74
N ARG A 389 11.88 6.02 4.88
CA ARG A 389 12.18 5.91 3.46
C ARG A 389 12.82 7.17 2.87
N LYS A 390 12.89 8.25 3.62
CA LYS A 390 13.59 9.44 3.17
C LYS A 390 15.05 9.44 3.57
N LEU A 391 15.41 8.77 4.66
CA LEU A 391 16.78 8.80 5.16
C LEU A 391 17.82 8.30 4.17
N PRO A 392 17.58 7.25 3.39
CA PRO A 392 18.61 6.82 2.40
C PRO A 392 18.91 7.89 1.38
N PHE A 393 17.95 8.74 1.05
CA PHE A 393 18.22 9.89 0.19
C PHE A 393 19.08 10.91 0.91
N LEU A 394 18.73 11.22 2.16
CA LEU A 394 19.54 12.14 2.94
C LEU A 394 20.94 11.58 3.14
N ALA A 395 21.02 10.32 3.55
CA ALA A 395 22.31 9.63 3.63
C ALA A 395 23.12 9.89 2.37
N HIS A 396 22.56 9.49 1.22
CA HIS A 396 23.31 9.61 0.00
C HIS A 396 23.65 11.06 -0.31
N ALA A 397 22.75 11.99 -0.01
CA ALA A 397 23.03 13.35 -0.44
C ALA A 397 23.98 14.05 0.51
N LEU A 398 23.92 13.71 1.79
CA LEU A 398 24.76 14.43 2.74
C LEU A 398 26.11 13.77 2.94
N TYR A 399 26.19 12.44 2.83
CA TYR A 399 27.37 11.74 3.32
C TYR A 399 28.05 10.87 2.27
N VAL A 400 27.52 10.81 1.04
CA VAL A 400 28.22 10.10 -0.02
C VAL A 400 28.57 11.08 -1.13
N GLN A 401 27.53 11.68 -1.73
CA GLN A 401 27.70 12.68 -2.77
C GLN A 401 28.68 12.21 -3.84
N ALA A 402 28.51 10.96 -4.26
CA ALA A 402 29.31 10.36 -5.31
C ALA A 402 28.45 9.33 -6.00
N PRO A 403 28.74 9.00 -7.26
CA PRO A 403 27.84 8.09 -7.99
C PRO A 403 27.62 6.76 -7.30
N THR A 404 28.66 6.24 -6.64
CA THR A 404 28.68 4.85 -6.20
C THR A 404 29.34 4.75 -4.82
N VAL A 405 28.85 3.83 -4.01
CA VAL A 405 29.45 3.57 -2.71
C VAL A 405 29.29 2.10 -2.37
N THR A 406 30.30 1.54 -1.71
CA THR A 406 30.16 0.22 -1.12
C THR A 406 29.10 0.25 -0.04
N ILE A 407 28.56 -0.92 0.25
CA ILE A 407 27.50 -0.97 1.26
C ILE A 407 28.05 -0.62 2.64
N GLU A 408 29.31 -0.94 2.91
CA GLU A 408 29.94 -0.45 4.12
C GLU A 408 29.79 1.06 4.22
N GLY A 409 30.18 1.78 3.17
CA GLY A 409 30.10 3.22 3.21
C GLY A 409 28.68 3.75 3.33
N PHE A 410 27.71 3.06 2.73
CA PHE A 410 26.34 3.54 2.82
C PHE A 410 25.76 3.34 4.21
N LEU A 411 25.88 2.12 4.76
CA LEU A 411 25.45 1.88 6.13
C LEU A 411 25.95 2.96 7.05
N GLN A 412 27.23 3.31 6.91
CA GLN A 412 27.81 4.35 7.76
C GLN A 412 27.21 5.72 7.45
N ALA A 413 26.85 5.98 6.18
CA ALA A 413 26.15 7.22 5.85
C ALA A 413 24.78 7.23 6.48
N LEU A 414 24.06 6.12 6.35
CA LEU A 414 22.72 6.03 6.90
C LEU A 414 22.74 6.22 8.42
N SER A 415 23.79 5.71 9.07
CA SER A 415 23.89 5.86 10.53
C SER A 415 23.98 7.33 10.93
N LEU A 416 24.83 8.09 10.22
CA LEU A 416 24.91 9.52 10.46
C LEU A 416 23.56 10.19 10.24
N ALA A 417 22.90 9.87 9.14
CA ALA A 417 21.62 10.49 8.85
C ALA A 417 20.67 10.28 10.01
N VAL A 418 20.60 9.05 10.52
CA VAL A 418 19.76 8.76 11.67
C VAL A 418 20.14 9.64 12.85
N ASP A 419 21.44 9.67 13.19
CA ASP A 419 21.85 10.58 14.25
C ASP A 419 21.41 12.00 13.96
N LYS A 420 21.41 12.40 12.68
CA LYS A 420 21.07 13.78 12.38
C LYS A 420 19.59 14.04 12.63
N GLN A 421 18.73 13.06 12.32
CA GLN A 421 17.31 13.18 12.61
C GLN A 421 17.07 13.48 14.07
N PHE A 422 17.72 12.74 14.96
CA PHE A 422 17.42 12.93 16.38
C PHE A 422 18.04 14.22 16.93
N GLU A 423 19.14 14.69 16.35
CA GLU A 423 19.63 16.02 16.70
C GLU A 423 18.59 17.07 16.35
N GLU A 424 18.02 16.98 15.14
CA GLU A 424 16.96 17.91 14.77
C GLU A 424 15.76 17.78 15.69
N ARG A 425 15.36 16.54 15.98
CA ARG A 425 14.30 16.30 16.96
C ARG A 425 14.59 17.01 18.28
N LYS A 426 15.76 16.74 18.86
CA LYS A 426 16.10 17.38 20.13
C LYS A 426 16.07 18.89 20.03
N LYS A 427 16.39 19.44 18.86
CA LYS A 427 16.32 20.89 18.68
C LYS A 427 14.88 21.38 18.66
N LEU A 428 13.95 20.58 18.12
CA LEU A 428 12.54 20.93 18.16
C LEU A 428 11.99 20.88 19.58
N ALA A 429 12.62 20.12 20.48
CA ALA A 429 12.16 20.07 21.87
C ALA A 429 12.44 21.38 22.60
N ALA A 430 13.69 21.82 22.60
CA ALA A 430 14.07 23.04 23.33
C ALA A 430 13.72 24.30 22.54
PG ATP B . -1.72 11.08 5.67
O1G ATP B . -1.76 11.53 4.22
O2G ATP B . -0.94 12.04 6.55
O3G ATP B . -3.05 10.68 6.25
PB ATP B . 0.26 9.21 6.63
O1B ATP B . 0.98 10.43 7.15
O2B ATP B . -0.26 8.17 7.60
O3B ATP B . -0.88 9.68 5.57
PA ATP B . 1.58 8.60 4.17
O1A ATP B . 1.60 10.08 3.79
O2A ATP B . 0.68 7.67 3.42
O3A ATP B . 1.32 8.40 5.74
O5' ATP B . 3.09 8.09 4.13
C5' ATP B . 3.95 8.57 3.10
C4' ATP B . 5.05 7.58 2.76
O4' ATP B . 5.86 7.25 3.90
C3' ATP B . 4.50 6.24 2.31
O3' ATP B . 4.13 6.22 0.92
C2' ATP B . 5.68 5.34 2.59
O2' ATP B . 6.60 5.39 1.48
C1' ATP B . 6.33 5.90 3.84
N9 ATP B . 5.81 4.99 4.91
C8 ATP B . 4.90 5.24 5.87
N7 ATP B . 4.66 4.12 6.63
C5 ATP B . 5.42 3.13 6.14
C6 ATP B . 5.67 1.70 6.45
N6 ATP B . 5.06 1.03 7.44
N1 ATP B . 6.56 1.04 5.66
C2 ATP B . 7.20 1.64 4.65
N3 ATP B . 7.04 2.92 4.32
C4 ATP B . 6.18 3.71 5.01
#